data_3ZDL
#
_entry.id   3ZDL
#
_cell.length_a   51.730
_cell.length_b   70.030
_cell.length_c   95.600
_cell.angle_alpha   90.00
_cell.angle_beta   90.00
_cell.angle_gamma   90.00
#
_symmetry.space_group_name_H-M   'P 21 21 2'
#
loop_
_entity.id
_entity.type
_entity.pdbx_description
1 polymer VINCULIN
2 polymer 'AMYLOID BETA A4 PRECURSOR PROTEIN-BINDING FAMILY B MEMBER 1-INTERACTING PROTEIN'
3 water water
#
loop_
_entity_poly.entity_id
_entity_poly.type
_entity_poly.pdbx_seq_one_letter_code
_entity_poly.pdbx_strand_id
1 'polypeptide(L)'
;MGSSHHHHHHSSGLVPRGSHMMPVFHTRTIESILEPVAQQISHLVIMHEEGEVDGKAIPDLTAPVSAVQAAVSNLVRVGK
ETVQTTEDQILKRDMPPAFIKVENACTKLVRAAQMLQADPYSVPARDYLIDGSRGILSGTSDLLLTFDEAEVRKIIRVCK
GILEYLTVAEVVETMEDLVTYTKNLGPGMTKMAKMIDERQQELTHQEHRVMLVNSMNTVKELLPVLISAMKIFVTTKNTK
SQGIEEALKNRNFTVEKMSAEINEIIRVLQLTSWDEDAWA
;
A
2 'polypeptide(L)' MGESSEDIDQMFSTLLGEMDLLTQSLGVDTLY B
#
# COMPACT_ATOMS: atom_id res chain seq x y z
N MET A 22 -11.23 9.87 12.16
CA MET A 22 -10.06 9.58 11.32
C MET A 22 -9.90 8.10 10.91
N PRO A 23 -9.60 7.87 9.62
CA PRO A 23 -9.48 6.52 9.05
C PRO A 23 -8.41 5.57 9.61
N VAL A 24 -8.74 4.29 9.59
CA VAL A 24 -7.79 3.22 9.84
C VAL A 24 -6.82 3.19 8.66
N PHE A 25 -5.53 3.00 8.96
CA PHE A 25 -4.55 2.91 7.91
C PHE A 25 -4.66 1.57 7.18
N HIS A 26 -4.24 1.57 5.91
CA HIS A 26 -4.53 0.49 4.96
C HIS A 26 -3.71 -0.78 5.18
N THR A 27 -2.44 -0.62 5.55
CA THR A 27 -1.58 -1.76 5.78
C THR A 27 -0.87 -1.59 7.11
N ARG A 28 -0.30 -2.69 7.60
CA ARG A 28 0.42 -2.70 8.85
C ARG A 28 1.66 -1.81 8.76
N THR A 29 2.25 -1.75 7.57
CA THR A 29 3.45 -0.95 7.37
C THR A 29 3.16 0.55 7.49
N ILE A 30 2.10 0.99 6.84
CA ILE A 30 1.69 2.38 6.89
C ILE A 30 1.31 2.75 8.31
N GLU A 31 0.52 1.89 8.93
CA GLU A 31 0.08 2.06 10.30
C GLU A 31 1.27 2.19 11.27
N SER A 32 2.27 1.32 11.17
CA SER A 32 3.41 1.42 12.09
C SER A 32 4.19 2.71 11.88
N ILE A 33 4.16 3.22 10.65
CA ILE A 33 4.84 4.47 10.30
C ILE A 33 4.10 5.74 10.75
N LEU A 34 2.80 5.79 10.51
CA LEU A 34 2.02 7.02 10.69
C LEU A 34 1.33 7.12 12.06
N GLU A 35 1.04 5.97 12.66
CA GLU A 35 0.26 5.93 13.91
C GLU A 35 0.85 6.76 15.06
N PRO A 36 2.17 6.62 15.35
CA PRO A 36 2.77 7.48 16.39
C PRO A 36 2.65 8.98 16.07
N VAL A 37 2.88 9.34 14.82
CA VAL A 37 2.75 10.73 14.40
C VAL A 37 1.33 11.22 14.61
N ALA A 38 0.37 10.46 14.11
CA ALA A 38 -1.02 10.87 14.24
C ALA A 38 -1.37 11.03 15.72
N GLN A 39 -0.84 10.14 16.54
CA GLN A 39 -1.14 10.16 17.96
C GLN A 39 -0.61 11.44 18.65
N GLN A 40 0.64 11.80 18.36
CA GLN A 40 1.24 13.03 18.87
C GLN A 40 0.54 14.29 18.41
N ILE A 41 0.09 14.29 17.17
CA ILE A 41 -0.62 15.44 16.67
C ILE A 41 -1.95 15.61 17.37
N SER A 42 -2.72 14.52 17.50
CA SER A 42 -3.98 14.57 18.25
C SER A 42 -3.75 15.07 19.68
N HIS A 43 -2.65 14.66 20.28
CA HIS A 43 -2.25 15.14 21.60
C HIS A 43 -2.00 16.64 21.56
N LEU A 44 -1.44 17.10 20.46
CA LEU A 44 -1.10 18.51 20.30
C LEU A 44 -2.35 19.35 20.09
N VAL A 45 -3.28 18.83 19.30
CA VAL A 45 -4.58 19.49 19.16
C VAL A 45 -5.27 19.63 20.51
N ILE A 46 -5.23 18.57 21.32
CA ILE A 46 -5.86 18.59 22.63
C ILE A 46 -5.26 19.68 23.53
N MET A 47 -3.93 19.75 23.55
CA MET A 47 -3.23 20.75 24.35
C MET A 47 -3.64 22.14 23.89
N HIS A 48 -3.70 22.30 22.57
CA HIS A 48 -4.03 23.58 21.95
C HIS A 48 -5.42 24.01 22.38
N GLU A 49 -6.36 23.08 22.39
CA GLU A 49 -7.72 23.41 22.73
C GLU A 49 -7.93 23.62 24.21
N GLU A 50 -6.85 23.51 24.98
CA GLU A 50 -6.90 23.72 26.43
C GLU A 50 -6.22 25.04 26.83
N GLY A 51 -7.05 26.06 27.07
CA GLY A 51 -6.60 27.42 27.35
C GLY A 51 -5.36 27.69 28.19
N GLU A 52 -5.25 27.08 29.38
CA GLU A 52 -4.15 27.40 30.29
C GLU A 52 -2.79 26.91 29.79
N VAL A 53 -2.81 25.81 29.05
CA VAL A 53 -1.56 25.20 28.58
C VAL A 53 -1.15 25.82 27.25
N ASP A 54 -2.15 26.10 26.41
CA ASP A 54 -1.95 26.76 25.13
C ASP A 54 -1.38 28.18 25.31
N GLY A 55 -1.79 28.86 26.39
CA GLY A 55 -1.39 30.24 26.64
C GLY A 55 0.04 30.46 27.14
N LYS A 56 0.71 29.39 27.52
CA LYS A 56 2.09 29.50 28.02
C LYS A 56 3.04 29.80 26.86
N ALA A 57 4.16 30.45 27.18
CA ALA A 57 5.17 30.74 26.17
C ALA A 57 5.68 29.47 25.51
N ILE A 58 5.77 29.50 24.18
CA ILE A 58 6.42 28.42 23.45
C ILE A 58 7.86 28.83 23.14
N PRO A 59 8.83 28.00 23.51
CA PRO A 59 10.25 28.25 23.20
C PRO A 59 10.49 28.25 21.70
N ASP A 60 11.73 28.56 21.32
CA ASP A 60 12.08 28.69 19.91
C ASP A 60 12.09 27.34 19.19
N LEU A 61 11.30 27.23 18.13
CA LEU A 61 11.15 25.99 17.40
C LEU A 61 11.93 26.00 16.09
N THR A 62 12.83 26.95 15.94
CA THR A 62 13.45 27.16 14.64
C THR A 62 14.27 25.94 14.24
N ALA A 63 15.03 25.39 15.19
CA ALA A 63 15.87 24.22 14.91
C ALA A 63 15.08 22.95 14.66
N PRO A 64 14.12 22.59 15.53
CA PRO A 64 13.37 21.36 15.19
C PRO A 64 12.59 21.52 13.89
N VAL A 65 12.02 22.71 13.64
CA VAL A 65 11.27 22.91 12.41
C VAL A 65 12.18 22.79 11.19
N SER A 66 13.38 23.35 11.27
CA SER A 66 14.37 23.24 10.19
C SER A 66 14.75 21.79 9.93
N ALA A 67 14.91 21.01 11.00
CA ALA A 67 15.18 19.60 10.85
C ALA A 67 14.05 18.90 10.10
N VAL A 68 12.80 19.32 10.34
CA VAL A 68 11.65 18.73 9.64
C VAL A 68 11.68 19.13 8.17
N GLN A 69 11.99 20.39 7.91
CA GLN A 69 12.10 20.86 6.55
C GLN A 69 13.21 20.13 5.78
N ALA A 70 14.36 19.96 6.42
CA ALA A 70 15.44 19.17 5.84
C ALA A 70 14.95 17.77 5.46
N ALA A 71 14.19 17.15 6.35
CA ALA A 71 13.71 15.79 6.11
C ALA A 71 12.66 15.75 5.02
N VAL A 72 11.89 16.82 4.90
CA VAL A 72 10.91 16.94 3.83
C VAL A 72 11.62 17.10 2.48
N SER A 73 12.64 17.97 2.45
CA SER A 73 13.46 18.15 1.26
C SER A 73 14.00 16.82 0.74
N ASN A 74 14.60 16.06 1.64
CA ASN A 74 15.08 14.72 1.34
C ASN A 74 14.01 13.76 0.84
N LEU A 75 12.90 13.68 1.56
CA LEU A 75 11.79 12.84 1.13
C LEU A 75 11.35 13.18 -0.29
N VAL A 76 11.35 14.47 -0.62
CA VAL A 76 10.89 14.93 -1.92
C VAL A 76 11.91 14.66 -3.01
N ARG A 77 13.20 14.74 -2.65
CA ARG A 77 14.27 14.41 -3.60
C ARG A 77 14.17 12.95 -3.99
N VAL A 78 14.06 12.08 -2.99
CA VAL A 78 13.95 10.65 -3.22
C VAL A 78 12.65 10.31 -3.97
N GLY A 79 11.61 11.09 -3.71
CA GLY A 79 10.36 10.93 -4.42
C GLY A 79 10.49 11.28 -5.89
N LYS A 80 11.14 12.41 -6.21
CA LYS A 80 11.29 12.86 -7.58
C LYS A 80 12.13 11.87 -8.41
N GLU A 81 13.01 11.15 -7.72
CA GLU A 81 13.84 10.17 -8.37
C GLU A 81 13.00 8.97 -8.77
N THR A 82 12.05 8.60 -7.90
CA THR A 82 11.09 7.56 -8.24
C THR A 82 10.24 7.98 -9.44
N VAL A 83 9.87 9.26 -9.48
CA VAL A 83 9.01 9.76 -10.55
C VAL A 83 9.66 9.63 -11.93
N GLN A 84 10.91 10.09 -12.05
CA GLN A 84 11.62 10.06 -13.32
C GLN A 84 11.89 8.65 -13.81
N THR A 85 12.07 7.72 -12.88
CA THR A 85 12.52 6.38 -13.23
C THR A 85 11.47 5.27 -13.08
N THR A 86 10.21 5.63 -12.89
CA THR A 86 9.19 4.61 -12.78
C THR A 86 8.54 4.23 -14.10
N GLU A 87 8.04 3.01 -14.12
CA GLU A 87 7.34 2.47 -15.28
C GLU A 87 5.88 2.89 -15.19
N ASP A 88 5.40 2.95 -13.95
CA ASP A 88 4.00 3.17 -13.67
C ASP A 88 3.63 4.63 -13.95
N GLN A 89 2.76 4.85 -14.93
CA GLN A 89 2.34 6.20 -15.30
C GLN A 89 1.42 6.81 -14.26
N ILE A 90 0.63 5.97 -13.62
CA ILE A 90 -0.27 6.41 -12.56
C ILE A 90 0.54 6.92 -11.35
N LEU A 91 1.66 6.27 -11.08
CA LEU A 91 2.58 6.69 -10.03
C LEU A 91 3.16 8.07 -10.33
N LYS A 92 3.55 8.27 -11.59
CA LYS A 92 4.07 9.56 -12.07
C LYS A 92 3.05 10.68 -11.89
N ARG A 93 1.78 10.38 -12.13
CA ARG A 93 0.70 11.34 -11.98
C ARG A 93 0.35 11.68 -10.52
N ASP A 94 0.28 10.67 -9.66
CA ASP A 94 -0.28 10.84 -8.31
C ASP A 94 0.70 11.29 -7.22
N MET A 95 1.98 10.97 -7.38
CA MET A 95 2.98 11.33 -6.39
C MET A 95 3.27 12.85 -6.24
N PRO A 96 3.45 13.57 -7.37
CA PRO A 96 3.75 14.99 -7.24
C PRO A 96 2.76 15.83 -6.38
N PRO A 97 1.43 15.62 -6.50
CA PRO A 97 0.55 16.33 -5.57
C PRO A 97 0.86 16.10 -4.07
N ALA A 98 1.30 14.91 -3.70
CA ALA A 98 1.70 14.65 -2.31
C ALA A 98 2.95 15.43 -1.90
N PHE A 99 3.91 15.53 -2.81
CA PHE A 99 5.11 16.34 -2.58
C PHE A 99 4.69 17.76 -2.28
N ILE A 100 3.76 18.26 -3.09
CA ILE A 100 3.31 19.63 -2.98
C ILE A 100 2.67 19.81 -1.60
N LYS A 101 1.82 18.87 -1.24
CA LYS A 101 1.13 18.93 0.04
C LYS A 101 2.09 18.93 1.24
N VAL A 102 3.11 18.09 1.20
CA VAL A 102 4.07 18.05 2.29
C VAL A 102 4.92 19.33 2.36
N GLU A 103 5.30 19.86 1.21
CA GLU A 103 6.13 21.06 1.19
C GLU A 103 5.35 22.28 1.67
N ASN A 104 4.10 22.38 1.24
CA ASN A 104 3.21 23.46 1.66
C ASN A 104 2.97 23.42 3.18
N ALA A 105 2.75 22.22 3.71
CA ALA A 105 2.54 22.05 5.15
C ALA A 105 3.77 22.53 5.88
N CYS A 106 4.92 22.21 5.31
CA CYS A 106 6.19 22.58 5.88
C CYS A 106 6.40 24.08 6.01
N THR A 107 5.94 24.85 5.03
CA THR A 107 6.11 26.30 5.08
C THR A 107 5.30 26.90 6.23
N LYS A 108 4.15 26.32 6.53
CA LYS A 108 3.38 26.67 7.71
C LYS A 108 4.18 26.48 9.02
N LEU A 109 4.90 25.38 9.13
CA LEU A 109 5.74 25.16 10.29
C LEU A 109 6.87 26.20 10.38
N VAL A 110 7.47 26.49 9.23
CA VAL A 110 8.55 27.47 9.17
C VAL A 110 8.04 28.86 9.58
N ARG A 111 6.88 29.24 9.07
CA ARG A 111 6.25 30.51 9.41
C ARG A 111 5.92 30.60 10.90
N ALA A 112 5.38 29.51 11.46
CA ALA A 112 5.09 29.43 12.89
C ALA A 112 6.35 29.67 13.72
N ALA A 113 7.45 29.03 13.37
CA ALA A 113 8.71 29.21 14.07
C ALA A 113 9.12 30.67 14.06
N GLN A 114 9.00 31.34 12.90
CA GLN A 114 9.31 32.77 12.81
C GLN A 114 8.44 33.63 13.72
N MET A 115 7.14 33.40 13.69
CA MET A 115 6.19 34.15 14.51
C MET A 115 6.50 33.98 15.99
N LEU A 116 6.80 32.76 16.39
CA LEU A 116 7.05 32.45 17.79
C LEU A 116 8.35 33.05 18.29
N GLN A 117 9.36 33.10 17.41
CA GLN A 117 10.62 33.76 17.72
C GLN A 117 10.34 35.24 18.11
N ALA A 118 9.39 35.87 17.43
CA ALA A 118 9.04 37.27 17.69
C ALA A 118 8.02 37.40 18.82
N ASP A 119 7.19 36.37 18.97
CA ASP A 119 6.16 36.38 20.00
C ASP A 119 5.78 34.96 20.42
N PRO A 120 6.38 34.46 21.52
CA PRO A 120 6.11 33.11 22.04
C PRO A 120 4.63 32.88 22.35
N TYR A 121 3.84 33.95 22.40
CA TYR A 121 2.40 33.84 22.64
C TYR A 121 1.51 33.95 21.39
N SER A 122 2.15 34.04 20.22
CA SER A 122 1.44 34.14 18.95
C SER A 122 0.31 33.12 18.78
N VAL A 123 -0.89 33.61 18.57
CA VAL A 123 -2.02 32.73 18.27
C VAL A 123 -1.96 32.11 16.86
N PRO A 124 -1.73 32.94 15.80
CA PRO A 124 -1.61 32.38 14.45
C PRO A 124 -0.54 31.30 14.36
N ALA A 125 0.59 31.50 15.05
CA ALA A 125 1.64 30.49 15.09
C ALA A 125 1.13 29.12 15.56
N ARG A 126 0.33 29.11 16.62
CA ARG A 126 -0.24 27.88 17.16
C ARG A 126 -1.11 27.18 16.13
N ASP A 127 -1.97 27.93 15.46
CA ASP A 127 -2.77 27.40 14.34
C ASP A 127 -1.92 26.81 13.23
N TYR A 128 -0.88 27.52 12.81
CA TYR A 128 0.05 27.03 11.80
C TYR A 128 0.73 25.72 12.23
N LEU A 129 1.06 25.61 13.52
CA LEU A 129 1.69 24.40 14.03
C LEU A 129 0.80 23.18 13.82
N ILE A 130 -0.45 23.32 14.22
CA ILE A 130 -1.42 22.25 14.03
C ILE A 130 -1.67 21.99 12.53
N ASP A 131 -1.96 23.05 11.77
CA ASP A 131 -2.26 22.88 10.35
C ASP A 131 -1.06 22.31 9.59
N GLY A 132 0.13 22.84 9.84
CA GLY A 132 1.35 22.30 9.26
C GLY A 132 1.56 20.83 9.61
N SER A 133 1.36 20.46 10.88
CA SER A 133 1.57 19.08 11.28
C SER A 133 0.59 18.14 10.59
N ARG A 134 -0.68 18.51 10.60
CA ARG A 134 -1.71 17.76 9.92
C ARG A 134 -1.41 17.63 8.45
N GLY A 135 -0.92 18.71 7.85
CA GLY A 135 -0.62 18.69 6.43
C GLY A 135 0.49 17.71 6.11
N ILE A 136 1.49 17.61 6.98
CA ILE A 136 2.58 16.69 6.77
C ILE A 136 2.10 15.25 6.93
N LEU A 137 1.30 15.01 7.97
CA LEU A 137 0.68 13.71 8.13
C LEU A 137 -0.16 13.35 6.90
N SER A 138 -1.01 14.29 6.51
CA SER A 138 -1.92 14.04 5.43
C SER A 138 -1.18 13.73 4.11
N GLY A 139 -0.14 14.50 3.80
CA GLY A 139 0.56 14.31 2.56
C GLY A 139 1.47 13.10 2.57
N THR A 140 2.04 12.79 3.72
CA THR A 140 2.86 11.59 3.85
C THR A 140 1.95 10.38 3.66
N SER A 141 0.74 10.47 4.19
CA SER A 141 -0.25 9.45 4.01
C SER A 141 -0.56 9.20 2.53
N ASP A 142 -0.77 10.28 1.77
CA ASP A 142 -1.08 10.17 0.35
C ASP A 142 0.08 9.54 -0.39
N LEU A 143 1.28 9.94 0.00
CA LEU A 143 2.48 9.43 -0.63
C LEU A 143 2.59 7.92 -0.40
N LEU A 144 2.33 7.48 0.84
CA LEU A 144 2.37 6.06 1.17
C LEU A 144 1.25 5.30 0.48
N LEU A 145 0.07 5.90 0.40
CA LEU A 145 -1.03 5.22 -0.28
C LEU A 145 -0.70 5.05 -1.75
N THR A 146 -0.03 6.06 -2.33
CA THR A 146 0.35 6.01 -3.74
C THR A 146 1.37 4.90 -4.04
N PHE A 147 2.37 4.74 -3.17
CA PHE A 147 3.33 3.66 -3.35
C PHE A 147 2.63 2.32 -3.19
N ASP A 148 1.67 2.29 -2.27
CA ASP A 148 0.99 1.06 -1.96
C ASP A 148 0.12 0.63 -3.14
N GLU A 149 -0.53 1.59 -3.77
CA GLU A 149 -1.35 1.30 -4.94
C GLU A 149 -0.52 0.82 -6.11
N ALA A 150 0.73 1.27 -6.18
CA ALA A 150 1.62 0.80 -7.22
C ALA A 150 1.92 -0.67 -6.96
N GLU A 151 2.25 -0.99 -5.71
CA GLU A 151 2.54 -2.36 -5.31
C GLU A 151 1.39 -3.28 -5.67
N VAL A 152 0.16 -2.83 -5.43
CA VAL A 152 -1.01 -3.63 -5.75
C VAL A 152 -1.16 -3.85 -7.26
N ARG A 153 -0.90 -2.81 -8.05
CA ARG A 153 -0.91 -2.94 -9.51
C ARG A 153 0.09 -3.98 -10.01
N LYS A 154 1.25 -4.07 -9.37
CA LYS A 154 2.22 -5.11 -9.69
C LYS A 154 1.63 -6.50 -9.43
N ILE A 155 1.00 -6.67 -8.28
CA ILE A 155 0.40 -7.96 -7.95
C ILE A 155 -0.67 -8.31 -8.98
N ILE A 156 -1.46 -7.30 -9.34
CA ILE A 156 -2.53 -7.51 -10.30
C ILE A 156 -2.01 -7.94 -11.68
N ARG A 157 -0.86 -7.41 -12.07
CA ARG A 157 -0.27 -7.78 -13.35
C ARG A 157 0.12 -9.25 -13.37
N VAL A 158 0.68 -9.72 -12.25
CA VAL A 158 0.99 -11.13 -12.11
C VAL A 158 -0.31 -11.94 -12.21
N CYS A 159 -1.34 -11.51 -11.51
CA CYS A 159 -2.62 -12.23 -11.52
C CYS A 159 -3.17 -12.30 -12.93
N LYS A 160 -3.10 -11.19 -13.65
CA LYS A 160 -3.70 -11.12 -14.97
C LYS A 160 -2.96 -12.01 -15.98
N GLY A 161 -1.64 -12.11 -15.84
CA GLY A 161 -0.86 -13.05 -16.63
C GLY A 161 -1.32 -14.49 -16.46
N ILE A 162 -1.60 -14.86 -15.23
CA ILE A 162 -2.05 -16.20 -14.94
C ILE A 162 -3.44 -16.45 -15.53
N LEU A 163 -4.29 -15.43 -15.49
CA LEU A 163 -5.58 -15.50 -16.17
C LEU A 163 -5.43 -15.81 -17.65
N GLU A 164 -4.60 -15.01 -18.34
CA GLU A 164 -4.40 -15.16 -19.77
C GLU A 164 -3.88 -16.55 -20.09
N TYR A 165 -2.93 -17.01 -19.29
CA TYR A 165 -2.28 -18.30 -19.49
C TYR A 165 -3.26 -19.45 -19.24
N LEU A 166 -4.24 -19.21 -18.37
CA LEU A 166 -5.26 -20.20 -18.10
C LEU A 166 -6.21 -20.38 -19.29
N THR A 167 -6.30 -19.36 -20.15
CA THR A 167 -7.12 -19.46 -21.35
C THR A 167 -6.39 -20.34 -22.37
N VAL A 168 -5.09 -20.47 -22.20
CA VAL A 168 -4.25 -21.25 -23.11
C VAL A 168 -4.41 -22.76 -22.87
N ALA A 169 -4.89 -23.14 -21.69
CA ALA A 169 -5.07 -24.55 -21.36
C ALA A 169 -5.92 -25.30 -22.40
N GLU A 170 -6.86 -24.56 -23.01
CA GLU A 170 -7.85 -25.08 -23.95
C GLU A 170 -7.24 -25.60 -25.26
N VAL A 171 -5.98 -25.29 -25.49
CA VAL A 171 -5.33 -25.64 -26.74
C VAL A 171 -4.21 -26.64 -26.56
N VAL A 172 -4.00 -27.09 -25.32
CA VAL A 172 -3.07 -28.18 -25.07
C VAL A 172 -3.70 -29.50 -25.58
N GLU A 173 -3.01 -30.13 -26.54
CA GLU A 173 -3.55 -31.27 -27.26
C GLU A 173 -2.71 -32.52 -27.07
N THR A 174 -1.44 -32.32 -26.73
CA THR A 174 -0.49 -33.41 -26.64
C THR A 174 0.23 -33.43 -25.31
N MET A 175 0.79 -34.58 -24.96
CA MET A 175 1.51 -34.73 -23.70
C MET A 175 2.70 -33.78 -23.64
N GLU A 176 3.26 -33.45 -24.79
CA GLU A 176 4.40 -32.55 -24.85
C GLU A 176 4.04 -31.09 -24.58
N ASP A 177 2.87 -30.66 -25.05
CA ASP A 177 2.35 -29.33 -24.73
C ASP A 177 2.13 -29.23 -23.22
N LEU A 178 1.57 -30.29 -22.66
CA LEU A 178 1.20 -30.35 -21.25
C LEU A 178 2.39 -30.21 -20.30
N VAL A 179 3.51 -30.83 -20.66
CA VAL A 179 4.73 -30.71 -19.87
C VAL A 179 5.24 -29.28 -19.90
N THR A 180 5.17 -28.66 -21.07
CA THR A 180 5.60 -27.29 -21.26
C THR A 180 4.71 -26.34 -20.47
N TYR A 181 3.40 -26.51 -20.63
CA TYR A 181 2.40 -25.72 -19.92
C TYR A 181 2.63 -25.81 -18.42
N THR A 182 2.78 -27.03 -17.93
CA THR A 182 3.03 -27.26 -16.51
C THR A 182 4.34 -26.60 -16.04
N LYS A 183 5.38 -26.68 -16.87
CA LYS A 183 6.66 -26.09 -16.54
C LYS A 183 6.55 -24.58 -16.34
N ASN A 184 5.58 -23.97 -17.02
CA ASN A 184 5.39 -22.53 -16.90
C ASN A 184 4.37 -22.13 -15.83
N LEU A 185 3.19 -22.75 -15.86
CA LEU A 185 2.14 -22.46 -14.89
C LEU A 185 2.60 -22.68 -13.45
N GLY A 186 3.46 -23.68 -13.23
CA GLY A 186 4.00 -23.98 -11.92
C GLY A 186 4.63 -22.80 -11.21
N PRO A 187 5.75 -22.28 -11.74
CA PRO A 187 6.39 -21.08 -11.22
C PRO A 187 5.45 -19.89 -11.09
N GLY A 188 4.80 -19.49 -12.18
CA GLY A 188 3.90 -18.36 -12.16
C GLY A 188 2.86 -18.41 -11.05
N MET A 189 2.34 -19.60 -10.79
CA MET A 189 1.42 -19.79 -9.68
C MET A 189 2.13 -19.64 -8.34
N THR A 190 3.35 -20.15 -8.24
CA THR A 190 4.11 -20.03 -7.01
C THR A 190 4.35 -18.55 -6.71
N LYS A 191 4.66 -17.78 -7.74
CA LYS A 191 4.92 -16.36 -7.59
C LYS A 191 3.68 -15.61 -7.11
N MET A 192 2.55 -15.89 -7.73
CA MET A 192 1.29 -15.26 -7.34
C MET A 192 0.96 -15.61 -5.90
N ALA A 193 1.11 -16.88 -5.55
CA ALA A 193 0.81 -17.35 -4.21
C ALA A 193 1.64 -16.61 -3.16
N LYS A 194 2.93 -16.46 -3.43
CA LYS A 194 3.84 -15.83 -2.49
C LYS A 194 3.46 -14.37 -2.30
N MET A 195 3.17 -13.71 -3.40
CA MET A 195 2.77 -12.30 -3.37
C MET A 195 1.48 -12.09 -2.62
N ILE A 196 0.54 -13.02 -2.77
CA ILE A 196 -0.74 -12.83 -2.13
C ILE A 196 -0.66 -13.15 -0.65
N ASP A 197 0.17 -14.14 -0.31
CA ASP A 197 0.44 -14.46 1.08
C ASP A 197 1.08 -13.28 1.81
N GLU A 198 2.07 -12.63 1.18
CA GLU A 198 2.71 -11.48 1.81
C GLU A 198 1.73 -10.33 1.94
N ARG A 199 0.99 -10.09 0.88
CA ARG A 199 0.06 -8.97 0.87
C ARG A 199 -1.03 -9.13 1.92
N GLN A 200 -1.60 -10.32 2.02
CA GLN A 200 -2.68 -10.51 2.98
C GLN A 200 -2.20 -10.26 4.42
N GLN A 201 -0.98 -10.67 4.73
CA GLN A 201 -0.42 -10.44 6.08
C GLN A 201 -0.26 -8.96 6.39
N GLU A 202 -0.14 -8.13 5.35
CA GLU A 202 -0.01 -6.68 5.50
C GLU A 202 -1.34 -5.96 5.79
N LEU A 203 -2.44 -6.55 5.38
CA LEU A 203 -3.72 -5.87 5.47
C LEU A 203 -4.13 -5.64 6.91
N THR A 204 -4.81 -4.53 7.16
CA THR A 204 -5.32 -4.23 8.50
C THR A 204 -6.79 -4.60 8.62
N HIS A 205 -7.39 -5.03 7.51
CA HIS A 205 -8.77 -5.45 7.54
C HIS A 205 -8.86 -6.97 7.45
N GLN A 206 -9.29 -7.58 8.57
CA GLN A 206 -9.32 -9.03 8.68
C GLN A 206 -10.19 -9.72 7.61
N GLU A 207 -11.35 -9.14 7.35
CA GLU A 207 -12.30 -9.64 6.37
C GLU A 207 -11.67 -9.72 4.97
N HIS A 208 -10.78 -8.80 4.67
CA HIS A 208 -10.07 -8.81 3.40
C HIS A 208 -9.00 -9.88 3.36
N ARG A 209 -8.28 -10.05 4.47
CA ARG A 209 -7.27 -11.09 4.57
C ARG A 209 -7.92 -12.46 4.33
N VAL A 210 -9.11 -12.66 4.90
CA VAL A 210 -9.79 -13.94 4.83
C VAL A 210 -10.20 -14.25 3.38
N MET A 211 -10.78 -13.26 2.72
CA MET A 211 -11.19 -13.42 1.33
C MET A 211 -9.99 -13.76 0.45
N LEU A 212 -8.85 -13.11 0.71
CA LEU A 212 -7.64 -13.34 -0.06
C LEU A 212 -7.11 -14.74 0.17
N VAL A 213 -7.07 -15.14 1.43
CA VAL A 213 -6.59 -16.46 1.79
C VAL A 213 -7.49 -17.56 1.22
N ASN A 214 -8.80 -17.40 1.39
CA ASN A 214 -9.75 -18.40 0.92
C ASN A 214 -9.64 -18.61 -0.58
N SER A 215 -9.57 -17.50 -1.31
CA SER A 215 -9.50 -17.52 -2.76
C SER A 215 -8.20 -18.11 -3.27
N MET A 216 -7.09 -17.72 -2.63
CA MET A 216 -5.80 -18.21 -3.03
C MET A 216 -5.71 -19.72 -2.75
N ASN A 217 -6.31 -20.15 -1.64
CA ASN A 217 -6.33 -21.57 -1.29
C ASN A 217 -7.12 -22.38 -2.31
N THR A 218 -8.26 -21.85 -2.73
CA THR A 218 -9.07 -22.52 -3.73
C THR A 218 -8.28 -22.66 -5.03
N VAL A 219 -7.56 -21.61 -5.40
CA VAL A 219 -6.73 -21.66 -6.60
C VAL A 219 -5.59 -22.67 -6.45
N LYS A 220 -4.94 -22.67 -5.28
CA LYS A 220 -3.90 -23.66 -5.01
C LYS A 220 -4.45 -25.10 -5.08
N GLU A 221 -5.62 -25.33 -4.48
CA GLU A 221 -6.21 -26.66 -4.48
C GLU A 221 -6.54 -27.14 -5.89
N LEU A 222 -7.07 -26.24 -6.71
CA LEU A 222 -7.52 -26.61 -8.06
C LEU A 222 -6.39 -26.81 -9.06
N LEU A 223 -5.20 -26.33 -8.77
CA LEU A 223 -4.12 -26.41 -9.73
C LEU A 223 -3.76 -27.86 -10.14
N PRO A 224 -3.52 -28.76 -9.18
CA PRO A 224 -3.29 -30.15 -9.61
C PRO A 224 -4.53 -30.81 -10.23
N VAL A 225 -5.71 -30.28 -9.95
CA VAL A 225 -6.93 -30.78 -10.60
C VAL A 225 -6.97 -30.38 -12.07
N LEU A 226 -6.47 -29.19 -12.37
CA LEU A 226 -6.41 -28.70 -13.74
C LEU A 226 -5.45 -29.58 -14.52
N ILE A 227 -4.31 -29.86 -13.91
CA ILE A 227 -3.30 -30.65 -14.56
C ILE A 227 -3.80 -32.08 -14.84
N SER A 228 -4.45 -32.70 -13.85
CA SER A 228 -5.08 -33.99 -14.06
C SER A 228 -6.10 -33.95 -15.20
N ALA A 229 -6.99 -32.97 -15.16
CA ALA A 229 -8.06 -32.82 -16.14
C ALA A 229 -7.49 -32.67 -17.54
N MET A 230 -6.34 -32.00 -17.64
CA MET A 230 -5.68 -31.83 -18.92
C MET A 230 -5.00 -33.13 -19.35
N LYS A 231 -4.44 -33.86 -18.39
CA LYS A 231 -3.79 -35.12 -18.72
C LYS A 231 -4.83 -36.09 -19.25
N ILE A 232 -5.96 -36.15 -18.56
CA ILE A 232 -7.06 -36.98 -18.98
C ILE A 232 -7.56 -36.58 -20.37
N PHE A 233 -7.64 -35.29 -20.61
CA PHE A 233 -8.09 -34.84 -21.92
C PHE A 233 -7.09 -35.26 -22.99
N VAL A 234 -5.81 -35.06 -22.70
CA VAL A 234 -4.75 -35.33 -23.67
C VAL A 234 -4.71 -36.82 -23.99
N THR A 235 -4.84 -37.63 -22.96
CA THR A 235 -4.84 -39.08 -23.07
C THR A 235 -5.99 -39.59 -23.94
N THR A 236 -7.21 -39.15 -23.63
CA THR A 236 -8.35 -39.61 -24.42
C THR A 236 -8.35 -39.03 -25.84
N LYS A 237 -7.78 -37.83 -26.02
CA LYS A 237 -7.62 -37.25 -27.33
C LYS A 237 -6.73 -38.15 -28.20
N ASN A 238 -5.58 -38.52 -27.64
CA ASN A 238 -4.59 -39.30 -28.36
C ASN A 238 -4.94 -40.79 -28.46
N THR A 239 -5.46 -41.37 -27.38
CA THR A 239 -5.88 -42.78 -27.40
C THR A 239 -7.20 -42.97 -28.12
N LYS A 240 -7.72 -41.89 -28.70
CA LYS A 240 -8.93 -41.94 -29.51
C LYS A 240 -10.11 -42.54 -28.73
N SER A 241 -10.08 -42.40 -27.41
CA SER A 241 -11.05 -43.06 -26.53
C SER A 241 -12.39 -42.33 -26.41
N GLN A 242 -13.35 -43.03 -25.83
CA GLN A 242 -14.67 -42.48 -25.51
C GLN A 242 -14.53 -41.37 -24.48
N GLY A 243 -15.48 -40.44 -24.47
CA GLY A 243 -15.59 -39.50 -23.38
C GLY A 243 -14.60 -38.36 -23.33
N ILE A 244 -14.14 -37.92 -24.50
CA ILE A 244 -13.28 -36.75 -24.54
C ILE A 244 -14.11 -35.52 -24.22
N GLU A 245 -15.39 -35.59 -24.56
CA GLU A 245 -16.35 -34.53 -24.29
C GLU A 245 -16.52 -34.30 -22.78
N GLU A 246 -16.36 -35.37 -22.01
CA GLU A 246 -16.52 -35.31 -20.57
C GLU A 246 -15.23 -34.80 -19.90
N ALA A 247 -14.09 -35.10 -20.53
CA ALA A 247 -12.80 -34.61 -20.05
C ALA A 247 -12.72 -33.11 -20.30
N LEU A 248 -13.28 -32.70 -21.43
CA LEU A 248 -13.36 -31.31 -21.81
C LEU A 248 -14.12 -30.50 -20.75
N LYS A 249 -15.21 -31.09 -20.25
CA LYS A 249 -16.05 -30.44 -19.27
C LYS A 249 -15.34 -30.17 -17.95
N ASN A 250 -14.67 -31.19 -17.39
CA ASN A 250 -13.93 -31.00 -16.16
C ASN A 250 -12.78 -30.03 -16.32
N ARG A 251 -12.11 -30.10 -17.46
CA ARG A 251 -11.03 -29.18 -17.74
C ARG A 251 -11.53 -27.73 -17.81
N ASN A 252 -12.65 -27.52 -18.51
CA ASN A 252 -13.18 -26.17 -18.62
C ASN A 252 -13.68 -25.62 -17.31
N PHE A 253 -14.39 -26.44 -16.54
CA PHE A 253 -14.86 -26.00 -15.25
C PHE A 253 -13.72 -25.52 -14.37
N THR A 254 -12.63 -26.28 -14.37
CA THR A 254 -11.50 -25.97 -13.53
C THR A 254 -10.87 -24.64 -13.93
N VAL A 255 -10.79 -24.39 -15.23
CA VAL A 255 -10.25 -23.13 -15.72
C VAL A 255 -11.17 -21.96 -15.38
N GLU A 256 -12.48 -22.18 -15.50
CA GLU A 256 -13.47 -21.17 -15.16
C GLU A 256 -13.49 -20.84 -13.68
N LYS A 257 -13.42 -21.87 -12.85
CA LYS A 257 -13.50 -21.68 -11.40
C LYS A 257 -12.27 -20.92 -10.93
N MET A 258 -11.09 -21.39 -11.36
CA MET A 258 -9.84 -20.74 -11.01
C MET A 258 -9.81 -19.28 -11.43
N SER A 259 -10.31 -19.03 -12.64
CA SER A 259 -10.34 -17.69 -13.18
C SER A 259 -11.29 -16.80 -12.37
N ALA A 260 -12.43 -17.36 -11.97
CA ALA A 260 -13.42 -16.60 -11.21
C ALA A 260 -12.79 -16.18 -9.89
N GLU A 261 -12.00 -17.09 -9.32
CA GLU A 261 -11.36 -16.88 -8.05
C GLU A 261 -10.22 -15.87 -8.13
N ILE A 262 -9.45 -15.91 -9.22
CA ILE A 262 -8.39 -14.92 -9.43
C ILE A 262 -8.95 -13.51 -9.67
N ASN A 263 -10.07 -13.43 -10.38
CA ASN A 263 -10.75 -12.15 -10.56
C ASN A 263 -11.32 -11.63 -9.24
N GLU A 264 -11.63 -12.53 -8.32
CA GLU A 264 -12.09 -12.13 -7.00
C GLU A 264 -10.91 -11.66 -6.14
N ILE A 265 -9.76 -12.29 -6.31
CA ILE A 265 -8.56 -11.82 -5.67
C ILE A 265 -8.19 -10.41 -6.15
N ILE A 266 -8.21 -10.24 -7.47
CA ILE A 266 -8.02 -8.94 -8.09
C ILE A 266 -9.00 -7.88 -7.56
N ARG A 267 -10.27 -8.23 -7.43
CA ARG A 267 -11.24 -7.30 -6.87
C ARG A 267 -10.93 -6.94 -5.41
N VAL A 268 -10.56 -7.94 -4.62
CA VAL A 268 -10.31 -7.74 -3.19
C VAL A 268 -9.01 -6.97 -2.90
N LEU A 269 -7.99 -7.19 -3.73
CA LEU A 269 -6.75 -6.42 -3.63
C LEU A 269 -6.96 -4.92 -3.77
N GLN A 270 -8.10 -4.52 -4.33
CA GLN A 270 -8.35 -3.12 -4.60
C GLN A 270 -9.38 -2.53 -3.65
N LEU A 271 -9.87 -3.33 -2.72
CA LEU A 271 -10.83 -2.81 -1.75
C LEU A 271 -10.16 -1.86 -0.75
N THR A 272 -10.83 -0.75 -0.49
CA THR A 272 -10.59 0.07 0.68
C THR A 272 -11.95 0.12 1.36
N SER A 273 -12.02 -0.19 2.65
CA SER A 273 -13.30 -0.16 3.33
C SER A 273 -13.72 1.26 3.74
N TRP A 274 -14.99 1.41 4.12
CA TRP A 274 -15.57 2.70 4.53
C TRP A 274 -14.78 3.45 5.62
N ASP A 275 -14.12 2.71 6.52
CA ASP A 275 -13.39 3.36 7.61
C ASP A 275 -12.06 3.96 7.16
N GLU A 276 -11.82 3.94 5.85
CA GLU A 276 -10.64 4.56 5.27
C GLU A 276 -10.99 5.84 4.52
N ASP A 277 -12.26 5.96 4.13
CA ASP A 277 -12.71 7.07 3.30
C ASP A 277 -13.76 7.91 4.01
N ASP B 7 16.43 3.80 -0.18
CA ASP B 7 16.59 5.01 0.62
C ASP B 7 15.20 5.58 0.93
N ILE B 8 14.18 5.07 0.23
CA ILE B 8 12.81 5.58 0.37
C ILE B 8 12.25 5.43 1.80
N ASP B 9 12.41 4.24 2.38
CA ASP B 9 11.89 3.95 3.71
C ASP B 9 12.59 4.76 4.78
N GLN B 10 13.90 4.93 4.60
CA GLN B 10 14.70 5.68 5.56
C GLN B 10 14.24 7.13 5.61
N MET B 11 13.81 7.66 4.47
CA MET B 11 13.34 9.04 4.39
C MET B 11 12.02 9.24 5.15
N PHE B 12 11.15 8.23 5.13
CA PHE B 12 9.92 8.28 5.91
C PHE B 12 10.19 8.22 7.40
N SER B 13 11.01 7.24 7.78
CA SER B 13 11.45 7.05 9.15
C SER B 13 11.96 8.37 9.71
N THR B 14 12.92 8.95 9.00
CA THR B 14 13.58 10.18 9.43
C THR B 14 12.60 11.34 9.51
N LEU B 15 11.75 11.47 8.48
CA LEU B 15 10.74 12.51 8.48
C LEU B 15 9.84 12.39 9.72
N LEU B 16 9.32 11.19 9.96
CA LEU B 16 8.40 11.02 11.08
C LEU B 16 9.11 11.09 12.44
N GLY B 17 10.40 10.72 12.43
CA GLY B 17 11.28 10.94 13.56
C GLY B 17 11.42 12.41 13.94
N GLU B 18 11.73 13.27 12.98
CA GLU B 18 11.83 14.70 13.27
C GLU B 18 10.49 15.23 13.76
N MET B 19 9.42 14.86 13.06
CA MET B 19 8.06 15.22 13.47
C MET B 19 7.84 14.87 14.94
N ASP B 20 8.23 13.66 15.29
CA ASP B 20 8.19 13.18 16.66
C ASP B 20 8.88 14.16 17.61
N LEU B 21 10.14 14.45 17.31
CA LEU B 21 10.95 15.36 18.11
C LEU B 21 10.33 16.75 18.24
N LEU B 22 9.77 17.25 17.14
CA LEU B 22 9.15 18.57 17.15
C LEU B 22 7.94 18.61 18.11
N THR B 23 7.08 17.62 18.05
CA THR B 23 5.97 17.54 18.99
C THR B 23 6.49 17.50 20.44
N GLN B 24 7.60 16.80 20.65
CA GLN B 24 8.25 16.76 21.95
C GLN B 24 8.69 18.15 22.40
N SER B 25 9.20 18.95 21.46
CA SER B 25 9.59 20.33 21.73
C SER B 25 8.39 21.15 22.21
N LEU B 26 7.20 20.76 21.75
CA LEU B 26 5.98 21.44 22.15
C LEU B 26 5.51 20.88 23.50
N GLY B 27 6.32 20.00 24.07
CA GLY B 27 6.01 19.33 25.32
C GLY B 27 4.95 18.25 25.18
N VAL B 28 4.73 17.75 23.96
CA VAL B 28 3.67 16.76 23.73
C VAL B 28 3.72 15.56 24.69
N ASP B 29 4.74 14.71 24.60
CA ASP B 29 4.83 13.59 25.55
C ASP B 29 6.02 13.74 26.50
N THR B 30 6.39 15.00 26.78
CA THR B 30 7.49 15.31 27.69
C THR B 30 7.04 16.23 28.83
N LEU B 31 6.28 17.27 28.49
CA LEU B 31 5.74 18.20 29.48
C LEU B 31 4.28 17.93 29.78
N TYR B 32 3.47 17.87 28.72
CA TYR B 32 2.03 17.67 28.86
C TYR B 32 1.59 16.41 28.11
#